data_5N16
#
_entry.id   5N16
#
_cell.length_a   75.435
_cell.length_b   77.292
_cell.length_c   102.593
_cell.angle_alpha   90.00
_cell.angle_beta   90.00
_cell.angle_gamma   90.00
#
_symmetry.space_group_name_H-M   'P 21 21 21'
#
loop_
_entity.id
_entity.type
_entity.pdbx_description
1 polymer 'Bromodomain-containing factor 1'
2 non-polymer 5-cyclopropyl-2-(5-pyrazin-2-yl-1,2,4-oxadiazol-3-yl)benzo[b][1,4]benzothiazepin-6-one
3 non-polymer 'NICKEL (II) ION'
4 non-polymer GLYCEROL
5 water water
#
_entity_poly.entity_id   1
_entity_poly.type   'polypeptide(L)'
_entity_poly.pdbx_seq_one_letter_code
;AAGAPKPPQEPDMNNLPENPIPQHQAKFVLNTIKAVKRNREAVPFLHPVDTVKLNVPFYYNYIPRPMDLSTIERKINLKA
YEDVSQVVDDFNLMVKNCKKFNGEAAGISKMATNIQAQFEKLMVKVPPKELPAGTNVA
;
_entity_poly.pdbx_strand_id   A,B,C,D
#
# COMPACT_ATOMS: atom_id res chain seq x y z
N GLY A 3 16.74 -13.92 3.47
CA GLY A 3 15.98 -12.68 3.59
C GLY A 3 14.68 -12.86 4.36
N ALA A 4 13.92 -11.78 4.49
CA ALA A 4 12.69 -11.84 5.26
C ALA A 4 11.64 -12.69 4.52
N PRO A 5 10.83 -13.44 5.25
CA PRO A 5 9.87 -14.33 4.59
C PRO A 5 8.74 -13.55 3.94
N LYS A 6 8.03 -14.25 3.07
CA LYS A 6 6.91 -13.65 2.37
C LYS A 6 5.74 -13.43 3.34
N PRO A 7 5.20 -12.23 3.42
CA PRO A 7 4.04 -11.99 4.28
C PRO A 7 2.81 -12.71 3.77
N PRO A 8 1.82 -12.96 4.63
CA PRO A 8 0.60 -13.65 4.19
C PRO A 8 -0.17 -12.80 3.17
N GLN A 9 -0.89 -13.50 2.30
CA GLN A 9 -1.72 -12.82 1.30
C GLN A 9 -2.87 -12.09 1.97
N GLU A 10 -3.20 -10.91 1.44
CA GLU A 10 -4.38 -10.18 1.87
C GLU A 10 -5.57 -10.49 0.96
N PRO A 11 -6.80 -10.44 1.50
CA PRO A 11 -7.08 -10.07 2.90
C PRO A 11 -7.02 -11.24 3.86
N ASP A 12 -6.90 -10.89 5.13
CA ASP A 12 -7.10 -11.82 6.23
C ASP A 12 -8.57 -12.20 6.28
N MET A 13 -8.89 -13.44 5.88
CA MET A 13 -10.28 -13.86 5.77
C MET A 13 -10.96 -14.05 7.12
N ASN A 14 -10.20 -14.10 8.20
CA ASN A 14 -10.75 -14.20 9.55
C ASN A 14 -10.92 -12.85 10.22
N ASN A 15 -10.52 -11.78 9.56
CA ASN A 15 -10.58 -10.43 10.11
C ASN A 15 -11.24 -9.48 9.13
N LEU A 16 -12.32 -9.92 8.50
CA LEU A 16 -13.06 -9.01 7.63
C LEU A 16 -13.94 -8.07 8.47
N PRO A 17 -14.13 -6.84 8.04
CA PRO A 17 -14.91 -5.91 8.85
C PRO A 17 -16.38 -6.24 8.87
N GLU A 18 -17.02 -5.94 10.00
CA GLU A 18 -18.45 -6.12 10.14
C GLU A 18 -19.22 -5.23 9.17
N ASN A 19 -18.74 -4.00 8.96
CA ASN A 19 -19.41 -3.04 8.09
C ASN A 19 -18.46 -2.62 6.98
N PRO A 20 -18.43 -3.35 5.86
CA PRO A 20 -17.54 -3.00 4.75
C PRO A 20 -18.08 -1.78 3.99
N ILE A 21 -17.24 -1.29 3.08
CA ILE A 21 -17.59 -0.18 2.19
C ILE A 21 -18.99 -0.41 1.64
N PRO A 22 -19.86 0.59 1.61
CA PRO A 22 -21.19 0.41 1.02
C PRO A 22 -21.08 0.09 -0.46
N GLN A 23 -22.07 -0.65 -0.96
CA GLN A 23 -21.94 -1.25 -2.29
C GLN A 23 -21.79 -0.19 -3.37
N HIS A 24 -22.47 0.95 -3.23
CA HIS A 24 -22.38 1.98 -4.28
C HIS A 24 -20.96 2.54 -4.36
N GLN A 25 -20.26 2.64 -3.24
CA GLN A 25 -18.85 3.01 -3.29
C GLN A 25 -17.98 1.83 -3.74
N ALA A 26 -18.30 0.61 -3.28
CA ALA A 26 -17.48 -0.54 -3.66
C ALA A 26 -17.50 -0.77 -5.16
N LYS A 27 -18.67 -0.61 -5.79
CA LYS A 27 -18.75 -0.74 -7.23
C LYS A 27 -17.87 0.29 -7.92
N PHE A 28 -17.87 1.53 -7.41
CA PHE A 28 -17.08 2.59 -8.05
C PHE A 28 -15.59 2.32 -7.92
N VAL A 29 -15.12 1.96 -6.71
CA VAL A 29 -13.69 1.74 -6.58
C VAL A 29 -13.25 0.49 -7.34
N LEU A 30 -14.12 -0.52 -7.43
CA LEU A 30 -13.79 -1.69 -8.24
C LEU A 30 -13.62 -1.29 -9.71
N ASN A 31 -14.59 -0.56 -10.27
CA ASN A 31 -14.45 -0.10 -11.64
C ASN A 31 -13.25 0.81 -11.82
N THR A 32 -12.93 1.61 -10.79
CA THR A 32 -11.74 2.46 -10.85
C THR A 32 -10.48 1.61 -10.96
N ILE A 33 -10.37 0.57 -10.12
CA ILE A 33 -9.18 -0.28 -10.19
C ILE A 33 -9.13 -1.02 -11.53
N LYS A 34 -10.29 -1.46 -12.03
CA LYS A 34 -10.28 -2.14 -13.33
C LYS A 34 -9.85 -1.21 -14.45
N ALA A 35 -10.20 0.08 -14.36
CA ALA A 35 -9.74 1.04 -15.35
C ALA A 35 -8.23 1.19 -15.29
N VAL A 36 -7.67 1.32 -14.08
CA VAL A 36 -6.22 1.41 -13.94
C VAL A 36 -5.58 0.14 -14.48
N LYS A 37 -6.21 -1.01 -14.26
CA LYS A 37 -5.61 -2.25 -14.73
C LYS A 37 -5.50 -2.32 -16.25
N ARG A 38 -6.32 -1.54 -16.97
CA ARG A 38 -6.21 -1.50 -18.42
C ARG A 38 -5.12 -0.55 -18.92
N ASN A 39 -4.53 0.24 -18.03
CA ASN A 39 -3.44 1.14 -18.38
C ASN A 39 -2.18 0.34 -18.64
N ARG A 40 -1.51 0.59 -19.78
CA ARG A 40 -0.28 -0.14 -20.08
C ARG A 40 0.77 0.06 -19.02
N GLU A 41 0.79 1.25 -18.39
CA GLU A 41 1.74 1.51 -17.32
C GLU A 41 1.48 0.64 -16.10
N ALA A 42 0.31 0.03 -15.99
CA ALA A 42 -0.03 -0.76 -14.81
C ALA A 42 0.47 -2.19 -14.89
N VAL A 43 0.96 -2.64 -16.05
CA VAL A 43 1.25 -4.06 -16.25
C VAL A 43 2.10 -4.64 -15.13
N PRO A 44 3.23 -4.04 -14.74
CA PRO A 44 4.04 -4.66 -13.68
C PRO A 44 3.39 -4.63 -12.32
N PHE A 45 2.31 -3.88 -12.13
CA PHE A 45 1.61 -3.77 -10.86
C PHE A 45 0.39 -4.66 -10.79
N LEU A 46 0.15 -5.47 -11.83
CA LEU A 46 -1.05 -6.29 -11.88
C LEU A 46 -1.01 -7.41 -10.86
N HIS A 47 0.17 -7.90 -10.53
CA HIS A 47 0.35 -9.08 -9.69
C HIS A 47 1.38 -8.77 -8.62
N PRO A 48 1.37 -9.53 -7.53
CA PRO A 48 2.37 -9.32 -6.47
C PRO A 48 3.78 -9.49 -7.03
N VAL A 49 4.71 -8.71 -6.45
CA VAL A 49 6.12 -8.94 -6.73
C VAL A 49 6.46 -10.37 -6.41
N ASP A 50 7.08 -11.07 -7.36
CA ASP A 50 7.57 -12.43 -7.18
C ASP A 50 9.07 -12.32 -7.00
N THR A 51 9.53 -12.50 -5.76
CA THR A 51 10.93 -12.24 -5.44
C THR A 51 11.85 -13.34 -5.95
N VAL A 52 11.30 -14.50 -6.32
CA VAL A 52 12.10 -15.52 -6.99
C VAL A 52 12.30 -15.16 -8.45
N LYS A 53 11.22 -14.81 -9.15
CA LYS A 53 11.37 -14.40 -10.55
C LYS A 53 12.31 -13.21 -10.68
N LEU A 54 12.24 -12.25 -9.75
CA LEU A 54 13.00 -11.01 -9.86
C LEU A 54 14.32 -11.08 -9.12
N ASN A 55 14.59 -12.17 -8.40
CA ASN A 55 15.90 -12.41 -7.79
C ASN A 55 16.22 -11.36 -6.73
N VAL A 56 15.26 -11.08 -5.86
CA VAL A 56 15.44 -10.09 -4.80
C VAL A 56 15.12 -10.71 -3.45
N PRO A 57 16.07 -11.47 -2.90
CA PRO A 57 15.82 -12.17 -1.63
C PRO A 57 15.53 -11.25 -0.46
N PHE A 58 15.91 -9.97 -0.54
CA PHE A 58 15.70 -9.05 0.57
C PHE A 58 14.57 -8.07 0.30
N TYR A 59 13.72 -8.36 -0.69
CA TYR A 59 12.62 -7.46 -1.00
C TYR A 59 11.73 -7.24 0.22
N TYR A 60 11.37 -8.30 0.93
CA TYR A 60 10.45 -8.09 2.06
C TYR A 60 11.13 -7.47 3.27
N ASN A 61 12.48 -7.42 3.29
CA ASN A 61 13.16 -6.65 4.31
C ASN A 61 12.91 -5.17 4.12
N TYR A 62 12.85 -4.72 2.87
CA TYR A 62 12.47 -3.36 2.54
C TYR A 62 10.96 -3.16 2.65
N ILE A 63 10.21 -4.17 2.21
CA ILE A 63 8.77 -4.05 1.96
C ILE A 63 8.01 -5.06 2.80
N PRO A 64 7.75 -4.77 4.08
CA PRO A 64 7.03 -5.75 4.90
C PRO A 64 5.56 -5.87 4.57
N ARG A 65 4.98 -4.92 3.84
CA ARG A 65 3.58 -5.00 3.43
C ARG A 65 3.48 -4.76 1.94
N PRO A 66 3.69 -5.80 1.14
CA PRO A 66 3.60 -5.65 -0.33
C PRO A 66 2.17 -5.37 -0.75
N MET A 67 2.04 -4.77 -1.94
CA MET A 67 0.71 -4.46 -2.43
C MET A 67 0.76 -4.43 -3.96
N ASP A 68 -0.37 -4.75 -4.57
CA ASP A 68 -0.47 -4.81 -6.02
C ASP A 68 -1.94 -4.61 -6.39
N LEU A 69 -2.20 -4.40 -7.68
CA LEU A 69 -3.56 -4.07 -8.10
C LEU A 69 -4.50 -5.25 -7.93
N SER A 70 -4.02 -6.48 -8.13
CA SER A 70 -4.92 -7.63 -7.97
C SER A 70 -5.33 -7.81 -6.51
N THR A 71 -4.42 -7.51 -5.57
CA THR A 71 -4.78 -7.57 -4.16
C THR A 71 -5.83 -6.53 -3.82
N ILE A 72 -5.69 -5.30 -4.34
CA ILE A 72 -6.69 -4.28 -4.07
C ILE A 72 -8.05 -4.73 -4.59
N GLU A 73 -8.07 -5.25 -5.82
CA GLU A 73 -9.31 -5.77 -6.40
C GLU A 73 -9.89 -6.89 -5.55
N ARG A 74 -9.05 -7.82 -5.10
CA ARG A 74 -9.53 -8.93 -4.29
C ARG A 74 -10.09 -8.42 -2.97
N LYS A 75 -9.40 -7.47 -2.35
CA LYS A 75 -9.92 -6.94 -1.08
C LYS A 75 -11.24 -6.22 -1.28
N ILE A 76 -11.44 -5.55 -2.42
CA ILE A 76 -12.76 -4.94 -2.67
C ILE A 76 -13.81 -6.04 -2.78
N ASN A 77 -13.53 -7.05 -3.59
CA ASN A 77 -14.50 -8.12 -3.85
C ASN A 77 -14.82 -8.92 -2.61
N LEU A 78 -13.85 -9.12 -1.73
CA LEU A 78 -14.06 -9.90 -0.53
C LEU A 78 -14.49 -9.05 0.67
N LYS A 79 -14.81 -7.78 0.43
CA LYS A 79 -15.38 -6.89 1.44
C LYS A 79 -14.43 -6.69 2.61
N ALA A 80 -13.15 -6.50 2.30
CA ALA A 80 -12.14 -6.37 3.33
C ALA A 80 -11.91 -4.94 3.77
N TYR A 81 -12.44 -3.96 3.04
CA TYR A 81 -12.24 -2.56 3.35
C TYR A 81 -13.45 -2.01 4.09
N GLU A 82 -13.19 -1.20 5.12
CA GLU A 82 -14.25 -0.44 5.79
C GLU A 82 -14.54 0.90 5.13
N ASP A 83 -13.55 1.51 4.49
CA ASP A 83 -13.68 2.86 3.94
C ASP A 83 -12.88 2.96 2.66
N VAL A 84 -13.33 3.80 1.73
CA VAL A 84 -12.58 3.99 0.49
C VAL A 84 -11.23 4.65 0.76
N SER A 85 -11.07 5.33 1.90
CA SER A 85 -9.76 5.86 2.23
C SER A 85 -8.72 4.74 2.29
N GLN A 86 -9.14 3.54 2.71
CA GLN A 86 -8.21 2.42 2.79
C GLN A 86 -7.84 1.88 1.42
N VAL A 87 -8.72 2.01 0.43
CA VAL A 87 -8.35 1.72 -0.95
C VAL A 87 -7.28 2.68 -1.42
N VAL A 88 -7.49 3.97 -1.16
CA VAL A 88 -6.47 4.98 -1.46
C VAL A 88 -5.16 4.65 -0.77
N ASP A 89 -5.24 4.28 0.52
CA ASP A 89 -4.03 3.94 1.28
C ASP A 89 -3.29 2.78 0.64
N ASP A 90 -4.01 1.73 0.24
CA ASP A 90 -3.35 0.60 -0.38
C ASP A 90 -2.72 0.97 -1.72
N PHE A 91 -3.39 1.82 -2.51
CA PHE A 91 -2.77 2.24 -3.76
C PHE A 91 -1.50 3.01 -3.50
N ASN A 92 -1.54 3.92 -2.53
CA ASN A 92 -0.36 4.69 -2.19
C ASN A 92 0.74 3.79 -1.65
N LEU A 93 0.37 2.76 -0.90
CA LEU A 93 1.35 1.81 -0.38
C LEU A 93 2.08 1.10 -1.52
N MET A 94 1.32 0.61 -2.51
CA MET A 94 1.92 -0.04 -3.68
C MET A 94 2.92 0.88 -4.36
N VAL A 95 2.56 2.15 -4.51
CA VAL A 95 3.45 3.11 -5.15
C VAL A 95 4.65 3.40 -4.27
N LYS A 96 4.42 3.60 -2.97
CA LYS A 96 5.53 3.91 -2.08
C LYS A 96 6.51 2.73 -2.00
N ASN A 97 5.98 1.51 -1.95
CA ASN A 97 6.83 0.32 -1.97
C ASN A 97 7.76 0.34 -3.19
N CYS A 98 7.18 0.64 -4.35
CA CYS A 98 7.95 0.67 -5.59
C CYS A 98 9.08 1.69 -5.51
N LYS A 99 8.77 2.90 -5.02
CA LYS A 99 9.79 3.95 -4.95
C LYS A 99 10.84 3.63 -3.90
N LYS A 100 10.43 3.04 -2.77
CA LYS A 100 11.39 2.67 -1.75
C LYS A 100 12.36 1.63 -2.27
N PHE A 101 11.85 0.59 -2.92
CA PHE A 101 12.76 -0.49 -3.28
C PHE A 101 13.56 -0.17 -4.54
N ASN A 102 12.94 0.44 -5.53
CA ASN A 102 13.60 0.68 -6.81
C ASN A 102 14.21 2.06 -6.94
N GLY A 103 13.82 3.00 -6.08
CA GLY A 103 14.31 4.36 -6.22
C GLY A 103 13.34 5.29 -6.93
N GLU A 104 13.32 6.56 -6.51
CA GLU A 104 12.40 7.52 -7.12
C GLU A 104 12.68 7.74 -8.60
N ALA A 105 13.94 7.64 -9.03
CA ALA A 105 14.31 7.95 -10.39
C ALA A 105 14.16 6.77 -11.34
N ALA A 106 13.81 5.59 -10.84
CA ALA A 106 13.71 4.40 -11.69
C ALA A 106 12.51 4.50 -12.61
N GLY A 107 12.66 3.94 -13.83
CA GLY A 107 11.56 3.93 -14.77
C GLY A 107 10.30 3.28 -14.22
N ILE A 108 10.45 2.24 -13.41
CA ILE A 108 9.28 1.58 -12.84
C ILE A 108 8.55 2.52 -11.89
N SER A 109 9.30 3.39 -11.19
CA SER A 109 8.66 4.36 -10.31
C SER A 109 7.92 5.44 -11.10
N LYS A 110 8.39 5.77 -12.31
CA LYS A 110 7.61 6.68 -13.14
C LYS A 110 6.30 6.03 -13.58
N MET A 111 6.34 4.74 -13.89
CA MET A 111 5.11 4.01 -14.16
C MET A 111 4.17 4.06 -12.97
N ALA A 112 4.71 3.84 -11.77
CA ALA A 112 3.88 3.89 -10.56
C ALA A 112 3.23 5.25 -10.40
N THR A 113 4.01 6.32 -10.59
CA THR A 113 3.46 7.67 -10.48
C THR A 113 2.36 7.89 -11.51
N ASN A 114 2.55 7.36 -12.72
CA ASN A 114 1.56 7.57 -13.78
C ASN A 114 0.23 6.92 -13.43
N ILE A 115 0.26 5.68 -12.92
CA ILE A 115 -1.02 5.05 -12.61
C ILE A 115 -1.61 5.63 -11.34
N GLN A 116 -0.77 6.17 -10.45
CA GLN A 116 -1.29 6.84 -9.27
C GLN A 116 -2.02 8.12 -9.68
N ALA A 117 -1.49 8.82 -10.69
CA ALA A 117 -2.15 10.02 -11.19
C ALA A 117 -3.49 9.69 -11.84
N GLN A 118 -3.54 8.60 -12.60
CA GLN A 118 -4.82 8.15 -13.15
C GLN A 118 -5.78 7.77 -12.03
N PHE A 119 -5.31 6.99 -11.07
CA PHE A 119 -6.16 6.60 -9.95
C PHE A 119 -6.73 7.82 -9.25
N GLU A 120 -5.88 8.82 -8.98
CA GLU A 120 -6.34 10.01 -8.25
C GLU A 120 -7.35 10.80 -9.06
N LYS A 121 -7.13 10.89 -10.37
CA LYS A 121 -8.08 11.59 -11.22
C LYS A 121 -9.43 10.89 -11.24
N LEU A 122 -9.42 9.55 -11.35
CA LEU A 122 -10.68 8.81 -11.35
C LEU A 122 -11.40 8.94 -10.02
N MET A 123 -10.64 8.95 -8.91
CA MET A 123 -11.27 8.98 -7.60
C MET A 123 -11.96 10.30 -7.28
N VAL A 124 -11.72 11.34 -8.08
CA VAL A 124 -12.42 12.62 -7.90
C VAL A 124 -13.93 12.41 -7.89
N LYS A 125 -14.41 11.40 -8.62
CA LYS A 125 -15.83 11.19 -8.83
C LYS A 125 -16.43 10.11 -7.95
N VAL A 126 -15.73 9.67 -6.91
CA VAL A 126 -16.31 8.62 -6.06
C VAL A 126 -17.54 9.16 -5.35
N PRO A 127 -18.63 8.40 -5.27
CA PRO A 127 -19.81 8.88 -4.56
C PRO A 127 -19.53 8.99 -3.07
N PRO A 128 -20.21 9.89 -2.37
CA PRO A 128 -19.98 10.04 -0.93
C PRO A 128 -20.42 8.79 -0.16
N LYS A 129 -19.86 8.65 1.05
CA LYS A 129 -20.12 7.46 1.84
C LYS A 129 -21.56 7.43 2.34
N GLU A 130 -22.07 8.55 2.82
CA GLU A 130 -23.38 8.57 3.46
C GLU A 130 -24.49 8.39 2.42
N LEU A 131 -25.57 7.74 2.84
CA LEU A 131 -26.71 7.51 1.96
C LEU A 131 -26.72 6.14 1.33
N GLY B 3 25.46 3.08 -19.23
CA GLY B 3 25.98 1.76 -19.49
C GLY B 3 26.02 1.39 -20.97
N ALA B 4 26.34 0.14 -21.25
CA ALA B 4 26.43 -0.32 -22.62
C ALA B 4 25.07 -0.19 -23.31
N PRO B 5 25.06 0.11 -24.60
CA PRO B 5 23.79 0.29 -25.31
C PRO B 5 23.13 -1.04 -25.63
N LYS B 6 21.83 -0.98 -25.88
CA LYS B 6 21.08 -2.18 -26.25
C LYS B 6 21.59 -2.73 -27.58
N PRO B 7 21.95 -4.01 -27.63
CA PRO B 7 22.43 -4.62 -28.88
C PRO B 7 21.33 -4.65 -29.93
N PRO B 8 21.69 -4.75 -31.22
CA PRO B 8 20.66 -4.89 -32.25
C PRO B 8 19.86 -6.16 -32.07
N GLN B 9 18.58 -6.10 -32.45
CA GLN B 9 17.69 -7.25 -32.37
C GLN B 9 18.07 -8.31 -33.39
N GLU B 10 17.96 -9.58 -33.00
CA GLU B 10 18.19 -10.70 -33.91
C GLU B 10 16.87 -11.16 -34.55
N PRO B 11 16.92 -11.71 -35.77
CA PRO B 11 18.11 -11.93 -36.61
C PRO B 11 18.49 -10.72 -37.46
N ASP B 12 19.73 -10.73 -37.95
CA ASP B 12 20.17 -9.77 -38.96
C ASP B 12 19.58 -10.17 -40.30
N MET B 13 18.63 -9.38 -40.80
CA MET B 13 17.91 -9.72 -42.01
C MET B 13 18.78 -9.65 -43.25
N ASN B 14 19.97 -9.04 -43.16
CA ASN B 14 20.92 -9.01 -44.27
C ASN B 14 21.90 -10.17 -44.21
N ASN B 15 21.72 -11.10 -43.29
CA ASN B 15 22.65 -12.21 -43.10
C ASN B 15 21.90 -13.50 -42.85
N LEU B 16 20.79 -13.69 -43.54
CA LEU B 16 20.05 -14.94 -43.39
C LEU B 16 20.73 -16.05 -44.18
N PRO B 17 20.72 -17.28 -43.67
CA PRO B 17 21.47 -18.35 -44.32
C PRO B 17 20.89 -18.76 -45.67
N GLU B 18 21.78 -19.16 -46.58
CA GLU B 18 21.33 -19.69 -47.86
C GLU B 18 20.62 -21.01 -47.69
N ASN B 19 21.05 -21.84 -46.73
CA ASN B 19 20.51 -23.17 -46.51
C ASN B 19 19.96 -23.25 -45.09
N PRO B 20 18.76 -22.71 -44.84
CA PRO B 20 18.18 -22.78 -43.51
C PRO B 20 17.75 -24.20 -43.17
N ILE B 21 17.47 -24.42 -41.88
CA ILE B 21 16.93 -25.66 -41.36
C ILE B 21 15.83 -26.18 -42.30
N PRO B 22 15.85 -27.45 -42.66
CA PRO B 22 14.81 -27.97 -43.55
C PRO B 22 13.45 -27.95 -42.86
N GLN B 23 12.40 -27.79 -43.69
CA GLN B 23 11.06 -27.53 -43.17
C GLN B 23 10.63 -28.54 -42.11
N HIS B 24 10.93 -29.83 -42.32
CA HIS B 24 10.45 -30.82 -41.37
C HIS B 24 11.11 -30.67 -40.01
N GLN B 25 12.37 -30.22 -39.96
CA GLN B 25 12.99 -29.95 -38.67
C GLN B 25 12.52 -28.61 -38.12
N ALA B 26 12.31 -27.63 -39.00
CA ALA B 26 11.87 -26.32 -38.54
C ALA B 26 10.53 -26.40 -37.85
N LYS B 27 9.59 -27.18 -38.41
CA LYS B 27 8.30 -27.34 -37.75
C LYS B 27 8.45 -27.97 -36.38
N PHE B 28 9.39 -28.91 -36.26
CA PHE B 28 9.61 -29.59 -34.98
C PHE B 28 10.13 -28.63 -33.92
N VAL B 29 11.18 -27.87 -34.24
CA VAL B 29 11.76 -27.00 -33.22
C VAL B 29 10.81 -25.87 -32.86
N LEU B 30 10.03 -25.39 -33.83
CA LEU B 30 9.00 -24.40 -33.51
C LEU B 30 7.99 -24.96 -32.53
N ASN B 31 7.48 -26.16 -32.79
CA ASN B 31 6.55 -26.79 -31.86
C ASN B 31 7.18 -27.02 -30.50
N THR B 32 8.47 -27.36 -30.49
CA THR B 32 9.16 -27.57 -29.21
C THR B 32 9.26 -26.26 -28.44
N ILE B 33 9.68 -25.19 -29.11
CA ILE B 33 9.77 -23.89 -28.42
C ILE B 33 8.40 -23.44 -27.94
N LYS B 34 7.36 -23.61 -28.76
CA LYS B 34 6.03 -23.24 -28.30
C LYS B 34 5.61 -24.06 -27.09
N ALA B 35 5.96 -25.35 -27.05
CA ALA B 35 5.66 -26.17 -25.87
C ALA B 35 6.35 -25.61 -24.63
N VAL B 36 7.62 -25.23 -24.76
CA VAL B 36 8.34 -24.67 -23.62
C VAL B 36 7.68 -23.36 -23.18
N LYS B 37 7.19 -22.58 -24.15
CA LYS B 37 6.57 -21.30 -23.81
C LYS B 37 5.32 -21.47 -22.96
N ARG B 38 4.72 -22.65 -22.96
CA ARG B 38 3.54 -22.90 -22.13
C ARG B 38 3.91 -23.32 -20.72
N ASN B 39 5.17 -23.57 -20.45
CA ASN B 39 5.63 -23.92 -19.11
C ASN B 39 5.51 -22.70 -18.20
N ARG B 40 4.86 -22.87 -17.04
CA ARG B 40 4.75 -21.76 -16.09
C ARG B 40 6.11 -21.20 -15.72
N GLU B 41 7.13 -22.05 -15.64
CA GLU B 41 8.45 -21.52 -15.31
C GLU B 41 9.09 -20.75 -16.46
N ALA B 42 8.48 -20.73 -17.64
CA ALA B 42 9.07 -20.01 -18.76
C ALA B 42 8.69 -18.55 -18.80
N VAL B 43 7.80 -18.11 -17.92
CA VAL B 43 7.25 -16.75 -18.03
C VAL B 43 8.33 -15.67 -18.06
N PRO B 44 9.36 -15.68 -17.20
CA PRO B 44 10.38 -14.63 -17.27
C PRO B 44 11.19 -14.67 -18.53
N PHE B 45 11.15 -15.78 -19.27
CA PHE B 45 11.96 -15.99 -20.45
C PHE B 45 11.19 -15.77 -21.74
N LEU B 46 9.92 -15.41 -21.64
CA LEU B 46 9.12 -15.25 -22.85
C LEU B 46 9.58 -14.09 -23.70
N HIS B 47 10.06 -13.02 -23.09
CA HIS B 47 10.38 -11.77 -23.77
C HIS B 47 11.76 -11.29 -23.38
N PRO B 48 12.38 -10.41 -24.17
CA PRO B 48 13.68 -9.88 -23.79
C PRO B 48 13.62 -9.17 -22.45
N VAL B 49 14.71 -9.27 -21.70
CA VAL B 49 14.87 -8.48 -20.49
C VAL B 49 14.64 -7.01 -20.82
N ASP B 50 13.74 -6.37 -20.08
CA ASP B 50 13.48 -4.94 -20.23
C ASP B 50 14.34 -4.24 -19.18
N THR B 51 15.46 -3.68 -19.62
CA THR B 51 16.41 -3.08 -18.68
C THR B 51 15.94 -1.75 -18.10
N VAL B 52 15.00 -1.08 -18.77
CA VAL B 52 14.44 0.14 -18.19
C VAL B 52 13.49 -0.22 -17.06
N LYS B 53 12.57 -1.15 -17.31
CA LYS B 53 11.61 -1.57 -16.30
C LYS B 53 12.29 -2.25 -15.13
N LEU B 54 13.32 -3.05 -15.39
CA LEU B 54 14.00 -3.75 -14.32
C LEU B 54 15.11 -2.92 -13.69
N ASN B 55 15.33 -1.69 -14.17
CA ASN B 55 16.27 -0.76 -13.56
C ASN B 55 17.69 -1.33 -13.54
N VAL B 56 18.14 -1.84 -14.69
CA VAL B 56 19.47 -2.44 -14.77
C VAL B 56 20.24 -1.83 -15.94
N PRO B 57 20.74 -0.60 -15.77
CA PRO B 57 21.49 0.06 -16.85
C PRO B 57 22.71 -0.70 -17.30
N PHE B 58 23.24 -1.61 -16.49
CA PHE B 58 24.47 -2.31 -16.83
C PHE B 58 24.23 -3.75 -17.25
N TYR B 59 22.98 -4.11 -17.56
CA TYR B 59 22.69 -5.47 -17.99
C TYR B 59 23.49 -5.84 -19.24
N TYR B 60 23.54 -4.94 -20.22
CA TYR B 60 24.25 -5.27 -21.46
C TYR B 60 25.76 -5.21 -21.32
N ASN B 61 26.27 -4.56 -20.26
CA ASN B 61 27.69 -4.69 -19.95
C ASN B 61 28.02 -6.13 -19.58
N TYR B 62 27.11 -6.80 -18.88
CA TYR B 62 27.26 -8.23 -18.58
C TYR B 62 26.88 -9.09 -19.78
N ILE B 63 25.82 -8.71 -20.48
CA ILE B 63 25.12 -9.54 -21.46
C ILE B 63 25.15 -8.85 -22.83
N PRO B 64 26.27 -8.93 -23.56
CA PRO B 64 26.32 -8.30 -24.90
C PRO B 64 25.40 -8.96 -25.90
N ARG B 65 24.94 -10.18 -25.64
CA ARG B 65 24.08 -10.91 -26.57
C ARG B 65 22.87 -11.46 -25.82
N PRO B 66 21.86 -10.62 -25.58
CA PRO B 66 20.65 -11.09 -24.91
C PRO B 66 19.89 -12.12 -25.76
N MET B 67 19.12 -12.97 -25.07
CA MET B 67 18.34 -14.00 -25.75
C MET B 67 17.10 -14.29 -24.93
N ASP B 68 16.02 -14.67 -25.63
CA ASP B 68 14.76 -15.00 -24.99
C ASP B 68 14.00 -15.93 -25.91
N LEU B 69 12.94 -16.54 -25.38
CA LEU B 69 12.22 -17.54 -26.17
C LEU B 69 11.56 -16.91 -27.39
N SER B 70 11.07 -15.67 -27.27
CA SER B 70 10.41 -15.07 -28.43
C SER B 70 11.40 -14.77 -29.55
N THR B 71 12.65 -14.46 -29.20
CA THR B 71 13.67 -14.27 -30.23
C THR B 71 14.00 -15.57 -30.94
N ILE B 72 14.10 -16.67 -30.20
CA ILE B 72 14.36 -17.97 -30.82
C ILE B 72 13.22 -18.32 -31.76
N GLU B 73 11.98 -18.14 -31.30
CA GLU B 73 10.81 -18.39 -32.14
C GLU B 73 10.84 -17.54 -33.39
N ARG B 74 11.16 -16.25 -33.25
CA ARG B 74 11.24 -15.36 -34.40
C ARG B 74 12.34 -15.81 -35.36
N LYS B 75 13.48 -16.24 -34.83
CA LYS B 75 14.57 -16.66 -35.70
C LYS B 75 14.20 -17.92 -36.48
N ILE B 76 13.47 -18.85 -35.87
CA ILE B 76 12.99 -20.01 -36.61
C ILE B 76 12.04 -19.55 -37.72
N ASN B 77 11.06 -18.71 -37.37
CA ASN B 77 10.05 -18.28 -38.34
C ASN B 77 10.65 -17.51 -39.51
N LEU B 78 11.73 -16.77 -39.26
CA LEU B 78 12.36 -15.98 -40.30
C LEU B 78 13.49 -16.73 -41.01
N LYS B 79 13.67 -18.02 -40.70
CA LYS B 79 14.66 -18.88 -41.34
C LYS B 79 16.08 -18.36 -41.14
N ALA B 80 16.39 -17.94 -39.90
CA ALA B 80 17.70 -17.41 -39.58
C ALA B 80 18.70 -18.49 -39.20
N TYR B 81 18.25 -19.71 -38.94
CA TYR B 81 19.14 -20.78 -38.51
C TYR B 81 19.47 -21.71 -39.67
N GLU B 82 20.72 -22.16 -39.71
CA GLU B 82 21.13 -23.23 -40.62
C GLU B 82 20.82 -24.61 -40.07
N ASP B 83 20.88 -24.76 -38.75
CA ASP B 83 20.81 -26.08 -38.13
C ASP B 83 20.14 -25.96 -36.77
N VAL B 84 19.45 -27.03 -36.38
CA VAL B 84 18.80 -27.07 -35.07
C VAL B 84 19.81 -26.90 -33.95
N SER B 85 21.08 -27.25 -34.18
CA SER B 85 22.09 -27.06 -33.14
C SER B 85 22.18 -25.60 -32.72
N GLN B 86 21.88 -24.67 -33.63
CA GLN B 86 21.91 -23.26 -33.27
C GLN B 86 20.73 -22.87 -32.40
N VAL B 87 19.59 -23.54 -32.56
CA VAL B 87 18.46 -23.31 -31.66
C VAL B 87 18.84 -23.74 -30.25
N VAL B 88 19.46 -24.92 -30.14
CA VAL B 88 19.93 -25.42 -28.86
C VAL B 88 20.96 -24.47 -28.25
N ASP B 89 21.86 -23.94 -29.09
CA ASP B 89 22.89 -23.01 -28.62
C ASP B 89 22.28 -21.70 -28.15
N ASP B 90 21.28 -21.19 -28.86
CA ASP B 90 20.62 -19.95 -28.42
C ASP B 90 19.85 -20.16 -27.14
N PHE B 91 19.22 -21.33 -26.97
CA PHE B 91 18.58 -21.63 -25.71
C PHE B 91 19.60 -21.64 -24.58
N ASN B 92 20.77 -22.26 -24.81
CA ASN B 92 21.83 -22.25 -23.82
C ASN B 92 22.33 -20.85 -23.54
N LEU B 93 22.41 -20.01 -24.57
CA LEU B 93 22.79 -18.61 -24.36
C LEU B 93 21.84 -17.93 -23.39
N MET B 94 20.54 -18.12 -23.61
CA MET B 94 19.54 -17.52 -22.73
C MET B 94 19.75 -17.95 -21.29
N VAL B 95 20.03 -19.23 -21.09
CA VAL B 95 20.26 -19.75 -19.75
C VAL B 95 21.57 -19.20 -19.18
N LYS B 96 22.63 -19.19 -20.00
CA LYS B 96 23.93 -18.69 -19.55
C LYS B 96 23.84 -17.22 -19.16
N ASN B 97 23.11 -16.42 -19.96
CA ASN B 97 22.92 -15.02 -19.62
C ASN B 97 22.30 -14.88 -18.25
N CYS B 98 21.26 -15.68 -17.99
CA CYS B 98 20.55 -15.61 -16.72
C CYS B 98 21.47 -15.97 -15.56
N LYS B 99 22.28 -17.02 -15.74
CA LYS B 99 23.23 -17.39 -14.70
C LYS B 99 24.27 -16.31 -14.49
N LYS B 100 24.77 -15.72 -15.57
CA LYS B 100 25.81 -14.70 -15.44
C LYS B 100 25.29 -13.47 -14.70
N PHE B 101 24.10 -13.00 -15.05
CA PHE B 101 23.65 -11.74 -14.48
C PHE B 101 23.01 -11.92 -13.11
N ASN B 102 22.31 -13.02 -12.90
CA ASN B 102 21.57 -13.23 -11.67
C ASN B 102 22.26 -14.18 -10.70
N GLY B 103 23.23 -14.96 -11.16
CA GLY B 103 23.89 -15.87 -10.25
C GLY B 103 23.54 -17.32 -10.53
N GLU B 104 24.58 -18.18 -10.48
CA GLU B 104 24.41 -19.60 -10.80
C GLU B 104 23.36 -20.25 -9.92
N ALA B 105 23.29 -19.86 -8.64
CA ALA B 105 22.43 -20.50 -7.66
C ALA B 105 21.09 -19.81 -7.49
N ALA B 106 20.83 -18.75 -8.24
CA ALA B 106 19.58 -18.01 -8.09
C ALA B 106 18.36 -18.85 -8.46
N GLY B 107 17.25 -18.57 -7.78
CA GLY B 107 15.99 -19.22 -8.13
C GLY B 107 15.59 -19.01 -9.57
N ILE B 108 15.84 -17.81 -10.12
CA ILE B 108 15.47 -17.57 -11.52
C ILE B 108 16.34 -18.42 -12.44
N SER B 109 17.59 -18.64 -12.06
CA SER B 109 18.46 -19.52 -12.84
C SER B 109 17.99 -20.97 -12.77
N LYS B 110 17.40 -21.36 -11.64
CA LYS B 110 16.81 -22.69 -11.54
C LYS B 110 15.62 -22.82 -12.48
N MET B 111 14.81 -21.76 -12.61
CA MET B 111 13.75 -21.80 -13.60
C MET B 111 14.35 -21.94 -15.00
N ALA B 112 15.45 -21.22 -15.25
CA ALA B 112 16.13 -21.32 -16.54
C ALA B 112 16.59 -22.75 -16.81
N THR B 113 17.21 -23.39 -15.82
CA THR B 113 17.70 -24.74 -16.13
C THR B 113 16.57 -25.74 -16.17
N ASN B 114 15.48 -25.49 -15.44
CA ASN B 114 14.31 -26.36 -15.55
C ASN B 114 13.71 -26.32 -16.96
N ILE B 115 13.55 -25.13 -17.53
CA ILE B 115 12.95 -25.12 -18.86
C ILE B 115 13.96 -25.60 -19.90
N GLN B 116 15.26 -25.42 -19.66
CA GLN B 116 16.24 -26.03 -20.55
C GLN B 116 16.17 -27.55 -20.51
N ALA B 117 15.97 -28.11 -19.32
CA ALA B 117 15.82 -29.56 -19.21
C ALA B 117 14.62 -30.05 -20.01
N GLN B 118 13.50 -29.35 -19.91
CA GLN B 118 12.33 -29.70 -20.71
C GLN B 118 12.65 -29.62 -22.19
N PHE B 119 13.27 -28.51 -22.61
CA PHE B 119 13.61 -28.31 -24.01
C PHE B 119 14.56 -29.40 -24.52
N GLU B 120 15.63 -29.66 -23.79
CA GLU B 120 16.61 -30.65 -24.27
C GLU B 120 16.00 -32.04 -24.34
N LYS B 121 15.07 -32.34 -23.46
CA LYS B 121 14.40 -33.66 -23.49
C LYS B 121 13.50 -33.77 -24.71
N LEU B 122 12.70 -32.74 -24.98
CA LEU B 122 11.88 -32.74 -26.18
C LEU B 122 12.73 -32.86 -27.43
N MET B 123 13.91 -32.23 -27.44
CA MET B 123 14.77 -32.21 -28.61
C MET B 123 15.36 -33.58 -28.94
N VAL B 124 15.31 -34.53 -28.01
CA VAL B 124 15.78 -35.89 -28.29
C VAL B 124 15.08 -36.44 -29.53
N LYS B 125 13.82 -36.08 -29.72
CA LYS B 125 12.98 -36.64 -30.78
C LYS B 125 13.09 -35.87 -32.10
N VAL B 126 14.02 -34.92 -32.22
CA VAL B 126 14.11 -34.13 -33.45
C VAL B 126 14.33 -35.06 -34.64
N PRO B 127 13.64 -34.86 -35.76
CA PRO B 127 13.90 -35.71 -36.93
C PRO B 127 15.26 -35.40 -37.54
N PRO B 128 15.85 -36.36 -38.24
CA PRO B 128 17.16 -36.10 -38.86
C PRO B 128 17.06 -35.04 -39.93
N LYS B 129 18.22 -34.45 -40.26
CA LYS B 129 18.24 -33.36 -41.23
C LYS B 129 17.90 -33.86 -42.62
N GLU B 130 18.34 -35.07 -42.95
CA GLU B 130 17.79 -35.85 -44.05
C GLU B 130 18.19 -37.31 -43.94
N GLY C 3 -1.02 27.41 30.63
CA GLY C 3 -0.58 27.92 29.36
C GLY C 3 -1.57 28.91 28.77
N ALA C 4 -1.35 29.30 27.52
CA ALA C 4 -2.29 30.20 26.86
C ALA C 4 -3.64 29.53 26.72
N PRO C 5 -4.72 30.29 26.84
CA PRO C 5 -6.06 29.71 26.76
C PRO C 5 -6.46 29.38 25.33
N LYS C 6 -7.48 28.54 25.21
CA LYS C 6 -8.00 28.13 23.90
C LYS C 6 -8.57 29.33 23.16
N PRO C 7 -8.09 29.64 21.97
CA PRO C 7 -8.61 30.78 21.21
C PRO C 7 -10.06 30.56 20.82
N PRO C 8 -10.82 31.64 20.61
CA PRO C 8 -12.23 31.49 20.22
C PRO C 8 -12.35 30.74 18.90
N GLN C 9 -13.43 29.97 18.78
CA GLN C 9 -13.65 29.17 17.59
C GLN C 9 -14.08 30.04 16.43
N GLU C 10 -13.54 29.76 15.25
CA GLU C 10 -13.95 30.46 14.04
C GLU C 10 -15.20 29.81 13.46
N PRO C 11 -16.02 30.57 12.72
CA PRO C 11 -15.86 32.00 12.42
C PRO C 11 -16.52 32.90 13.46
N ASP C 12 -16.11 34.17 13.47
CA ASP C 12 -16.82 35.18 14.23
C ASP C 12 -18.19 35.40 13.59
N MET C 13 -19.25 34.94 14.26
CA MET C 13 -20.60 35.05 13.71
C MET C 13 -21.13 36.47 13.70
N ASN C 14 -20.36 37.44 14.20
CA ASN C 14 -20.74 38.84 14.15
C ASN C 14 -19.99 39.62 13.08
N ASN C 15 -19.10 38.97 12.34
CA ASN C 15 -18.36 39.57 11.24
C ASN C 15 -18.40 38.65 10.02
N LEU C 16 -19.56 38.10 9.74
CA LEU C 16 -19.65 37.32 8.52
C LEU C 16 -19.83 38.25 7.32
N PRO C 17 -19.24 37.93 6.17
CA PRO C 17 -19.33 38.84 5.03
C PRO C 17 -20.72 38.88 4.44
N GLU C 18 -21.05 40.03 3.84
CA GLU C 18 -22.38 40.21 3.26
C GLU C 18 -22.60 39.31 2.06
N ASN C 19 -21.56 39.02 1.30
CA ASN C 19 -21.64 38.21 0.10
C ASN C 19 -20.66 37.04 0.19
N PRO C 20 -21.06 35.94 0.82
CA PRO C 20 -20.20 34.76 0.85
C PRO C 20 -20.10 34.13 -0.53
N ILE C 21 -19.20 33.15 -0.65
CA ILE C 21 -19.00 32.47 -1.92
C ILE C 21 -20.32 31.84 -2.36
N PRO C 22 -20.55 31.76 -3.67
CA PRO C 22 -21.81 31.19 -4.17
C PRO C 22 -21.92 29.70 -3.87
N GLN C 23 -23.17 29.25 -3.77
CA GLN C 23 -23.45 27.90 -3.29
C GLN C 23 -22.74 26.84 -4.11
N HIS C 24 -22.66 27.03 -5.44
CA HIS C 24 -22.00 26.02 -6.25
C HIS C 24 -20.51 25.95 -5.96
N GLN C 25 -19.91 27.02 -5.44
CA GLN C 25 -18.51 26.97 -5.07
C GLN C 25 -18.34 26.32 -3.70
N ALA C 26 -19.18 26.70 -2.74
CA ALA C 26 -19.15 26.07 -1.42
C ALA C 26 -19.32 24.56 -1.52
N LYS C 27 -20.24 24.11 -2.36
CA LYS C 27 -20.40 22.67 -2.57
C LYS C 27 -19.11 22.05 -3.12
N PHE C 28 -18.49 22.71 -4.09
CA PHE C 28 -17.28 22.16 -4.69
C PHE C 28 -16.16 22.03 -3.66
N VAL C 29 -15.97 23.06 -2.83
CA VAL C 29 -14.90 22.99 -1.86
C VAL C 29 -15.19 21.94 -0.80
N LEU C 30 -16.46 21.81 -0.39
CA LEU C 30 -16.81 20.75 0.54
C LEU C 30 -16.54 19.37 -0.06
N ASN C 31 -16.86 19.20 -1.34
CA ASN C 31 -16.54 17.95 -2.03
C ASN C 31 -15.04 17.76 -2.19
N THR C 32 -14.29 18.85 -2.36
CA THR C 32 -12.84 18.76 -2.47
C THR C 32 -12.20 18.38 -1.14
N ILE C 33 -12.71 18.93 -0.04
CA ILE C 33 -12.23 18.53 1.28
C ILE C 33 -12.57 17.07 1.56
N LYS C 34 -13.79 16.65 1.24
CA LYS C 34 -14.15 15.24 1.39
C LYS C 34 -13.16 14.33 0.67
N ALA C 35 -12.71 14.76 -0.52
CA ALA C 35 -11.71 14.00 -1.25
C ALA C 35 -10.36 13.99 -0.53
N VAL C 36 -9.96 15.14 0.03
CA VAL C 36 -8.68 15.21 0.74
C VAL C 36 -8.69 14.29 1.95
N LYS C 37 -9.85 14.14 2.58
CA LYS C 37 -9.99 13.29 3.77
C LYS C 37 -9.90 11.81 3.49
N ARG C 38 -9.95 11.39 2.22
CA ARG C 38 -9.88 9.96 1.87
C ARG C 38 -8.41 9.51 1.76
N ASN C 39 -7.73 9.60 2.89
CA ASN C 39 -6.27 9.45 2.95
C ASN C 39 -5.91 9.33 4.42
N ARG C 40 -5.15 8.28 4.79
CA ARG C 40 -4.78 8.12 6.20
C ARG C 40 -3.99 9.32 6.70
N GLU C 41 -3.31 10.02 5.79
CA GLU C 41 -2.49 11.15 6.18
C GLU C 41 -3.33 12.38 6.49
N ALA C 42 -4.62 12.36 6.18
CA ALA C 42 -5.49 13.45 6.59
C ALA C 42 -5.98 13.31 8.02
N VAL C 43 -5.83 12.12 8.61
CA VAL C 43 -6.38 11.87 9.95
C VAL C 43 -5.95 12.92 10.98
N PRO C 44 -4.68 13.30 11.09
CA PRO C 44 -4.30 14.30 12.09
C PRO C 44 -4.90 15.68 11.86
N PHE C 45 -5.47 15.94 10.70
CA PHE C 45 -5.96 17.25 10.33
C PHE C 45 -7.47 17.31 10.29
N LEU C 46 -8.16 16.20 10.56
CA LEU C 46 -9.62 16.16 10.48
C LEU C 46 -10.27 17.12 11.46
N HIS C 47 -9.75 17.19 12.68
CA HIS C 47 -10.37 17.90 13.79
C HIS C 47 -9.35 18.77 14.47
N PRO C 48 -9.79 19.73 15.30
CA PRO C 48 -8.83 20.61 15.98
C PRO C 48 -7.91 19.80 16.88
N VAL C 49 -6.67 20.28 17.01
CA VAL C 49 -5.79 19.77 18.05
C VAL C 49 -6.49 19.91 19.39
N ASP C 50 -6.53 18.82 20.13
CA ASP C 50 -7.11 18.78 21.47
C ASP C 50 -5.93 18.77 22.43
N THR C 51 -5.67 19.91 23.08
CA THR C 51 -4.48 20.04 23.90
C THR C 51 -4.55 19.18 25.17
N VAL C 52 -5.75 18.79 25.58
CA VAL C 52 -5.87 17.90 26.73
C VAL C 52 -5.57 16.46 26.31
N LYS C 53 -6.23 15.99 25.24
CA LYS C 53 -5.97 14.66 24.72
C LYS C 53 -4.50 14.47 24.34
N LEU C 54 -3.89 15.50 23.74
CA LEU C 54 -2.52 15.38 23.24
C LEU C 54 -1.50 15.93 24.23
N ASN C 55 -1.95 16.42 25.39
CA ASN C 55 -1.07 16.72 26.51
C ASN C 55 -0.07 17.80 26.15
N VAL C 56 -0.56 18.86 25.51
CA VAL C 56 0.31 19.97 25.10
C VAL C 56 -0.29 21.27 25.63
N PRO C 57 -0.13 21.53 26.94
CA PRO C 57 -0.72 22.74 27.53
C PRO C 57 -0.21 24.05 26.95
N PHE C 58 0.91 24.04 26.24
CA PHE C 58 1.46 25.27 25.69
C PHE C 58 1.27 25.36 24.19
N TYR C 59 0.40 24.51 23.62
CA TYR C 59 0.16 24.52 22.19
C TYR C 59 -0.26 25.89 21.69
N TYR C 60 -1.17 26.55 22.40
CA TYR C 60 -1.69 27.82 21.95
C TYR C 60 -0.72 28.98 22.19
N ASN C 61 0.25 28.81 23.07
CA ASN C 61 1.35 29.77 23.14
C ASN C 61 2.10 29.81 21.82
N TYR C 62 2.31 28.65 21.21
CA TYR C 62 2.93 28.58 19.88
C TYR C 62 1.95 28.90 18.78
N ILE C 63 0.71 28.46 18.91
CA ILE C 63 -0.27 28.49 17.83
C ILE C 63 -1.46 29.35 18.25
N PRO C 64 -1.38 30.67 18.10
CA PRO C 64 -2.48 31.52 18.57
C PRO C 64 -3.72 31.45 17.70
N ARG C 65 -3.62 30.94 16.49
CA ARG C 65 -4.78 30.78 15.60
C ARG C 65 -4.74 29.37 15.03
N PRO C 66 -5.30 28.39 15.73
CA PRO C 66 -5.31 27.02 15.22
C PRO C 66 -6.25 26.87 14.03
N MET C 67 -6.02 25.81 13.26
CA MET C 67 -6.84 25.56 12.10
C MET C 67 -6.79 24.08 11.78
N ASP C 68 -7.89 23.57 11.22
CA ASP C 68 -8.02 22.17 10.87
C ASP C 68 -9.10 22.05 9.81
N LEU C 69 -9.21 20.85 9.23
CA LEU C 69 -10.17 20.65 8.13
C LEU C 69 -11.61 20.90 8.57
N SER C 70 -11.99 20.43 9.77
CA SER C 70 -13.38 20.62 10.19
C SER C 70 -13.72 22.09 10.43
N THR C 71 -12.74 22.89 10.84
CA THR C 71 -12.98 24.31 10.99
C THR C 71 -13.16 24.97 9.63
N ILE C 72 -12.39 24.54 8.63
CA ILE C 72 -12.60 25.05 7.27
C ILE C 72 -13.99 24.67 6.78
N GLU C 73 -14.39 23.41 6.98
CA GLU C 73 -15.74 23.00 6.61
C GLU C 73 -16.80 23.78 7.37
N ARG C 74 -16.58 24.00 8.66
CA ARG C 74 -17.49 24.82 9.44
C ARG C 74 -17.60 26.22 8.86
N LYS C 75 -16.48 26.81 8.46
CA LYS C 75 -16.51 28.17 7.93
C LYS C 75 -17.23 28.23 6.59
N ILE C 76 -17.22 27.13 5.83
CA ILE C 76 -18.00 27.07 4.60
C ILE C 76 -19.48 26.99 4.92
N ASN C 77 -19.86 26.03 5.77
CA ASN C 77 -21.28 25.85 6.06
C ASN C 77 -21.90 27.08 6.70
N LEU C 78 -21.12 27.88 7.42
CA LEU C 78 -21.61 29.07 8.08
C LEU C 78 -21.41 30.34 7.27
N LYS C 79 -21.03 30.20 5.99
CA LYS C 79 -20.93 31.32 5.05
C LYS C 79 -19.92 32.37 5.51
N ALA C 80 -18.75 31.91 5.93
CA ALA C 80 -17.73 32.81 6.44
C ALA C 80 -16.76 33.31 5.38
N TYR C 81 -16.69 32.67 4.22
CA TYR C 81 -15.70 33.00 3.20
C TYR C 81 -16.32 33.85 2.09
N GLU C 82 -15.62 34.94 1.71
CA GLU C 82 -15.99 35.74 0.56
C GLU C 82 -15.43 35.18 -0.74
N ASP C 83 -14.30 34.48 -0.65
CA ASP C 83 -13.52 34.04 -1.80
C ASP C 83 -12.94 32.67 -1.45
N VAL C 84 -12.85 31.79 -2.46
CA VAL C 84 -12.22 30.49 -2.25
C VAL C 84 -10.75 30.65 -1.90
N SER C 85 -10.15 31.78 -2.28
CA SER C 85 -8.75 32.01 -1.94
C SER C 85 -8.56 32.06 -0.43
N GLN C 86 -9.60 32.45 0.31
CA GLN C 86 -9.52 32.44 1.76
C GLN C 86 -9.51 31.03 2.31
N VAL C 87 -10.20 30.10 1.63
CA VAL C 87 -10.13 28.69 2.01
C VAL C 87 -8.70 28.17 1.85
N VAL C 88 -8.07 28.51 0.72
CA VAL C 88 -6.68 28.15 0.49
C VAL C 88 -5.77 28.78 1.53
N ASP C 89 -6.08 30.01 1.93
CA ASP C 89 -5.30 30.65 3.00
C ASP C 89 -5.40 29.86 4.29
N ASP C 90 -6.60 29.39 4.63
CA ASP C 90 -6.79 28.65 5.88
C ASP C 90 -6.13 27.28 5.82
N PHE C 91 -6.14 26.62 4.64
CA PHE C 91 -5.41 25.37 4.53
C PHE C 91 -3.93 25.60 4.79
N ASN C 92 -3.38 26.65 4.20
CA ASN C 92 -1.98 26.95 4.41
C ASN C 92 -1.70 27.31 5.86
N LEU C 93 -2.65 27.96 6.55
CA LEU C 93 -2.47 28.26 7.97
C LEU C 93 -2.33 26.97 8.77
N MET C 94 -3.22 26.01 8.51
CA MET C 94 -3.15 24.70 9.16
C MET C 94 -1.78 24.07 8.96
N VAL C 95 -1.26 24.12 7.73
CA VAL C 95 0.05 23.54 7.45
C VAL C 95 1.14 24.32 8.17
N LYS C 96 1.01 25.64 8.20
CA LYS C 96 2.02 26.46 8.87
C LYS C 96 2.03 26.20 10.37
N ASN C 97 0.85 26.05 10.98
CA ASN C 97 0.77 25.69 12.40
C ASN C 97 1.50 24.39 12.65
N CYS C 98 1.26 23.39 11.80
CA CYS C 98 1.89 22.09 11.95
C CYS C 98 3.41 22.21 11.91
N LYS C 99 3.94 22.94 10.92
CA LYS C 99 5.38 23.08 10.81
C LYS C 99 5.96 23.83 12.01
N LYS C 100 5.24 24.84 12.51
CA LYS C 100 5.77 25.61 13.64
C LYS C 100 5.81 24.77 14.91
N PHE C 101 4.74 24.04 15.21
CA PHE C 101 4.72 23.32 16.48
C PHE C 101 5.54 22.04 16.43
N ASN C 102 5.49 21.30 15.32
CA ASN C 102 6.12 19.99 15.25
C ASN C 102 7.47 20.00 14.56
N GLY C 103 7.79 21.05 13.81
CA GLY C 103 9.05 21.08 13.10
C GLY C 103 8.84 21.00 11.61
N GLU C 104 9.58 21.84 10.87
CA GLU C 104 9.46 21.89 9.41
C GLU C 104 9.77 20.54 8.78
N ALA C 105 10.66 19.77 9.38
CA ALA C 105 11.14 18.52 8.79
C ALA C 105 10.45 17.29 9.35
N ALA C 106 9.52 17.45 10.29
CA ALA C 106 8.82 16.31 10.90
C ALA C 106 7.98 15.56 9.87
N GLY C 107 7.82 14.27 10.10
CA GLY C 107 6.95 13.48 9.24
C GLY C 107 5.53 13.98 9.22
N ILE C 108 5.03 14.48 10.35
CA ILE C 108 3.66 14.99 10.35
C ILE C 108 3.54 16.22 9.47
N SER C 109 4.60 17.04 9.40
CA SER C 109 4.62 18.18 8.48
C SER C 109 4.69 17.72 7.03
N LYS C 110 5.31 16.57 6.77
CA LYS C 110 5.28 16.02 5.43
C LYS C 110 3.88 15.55 5.06
N MET C 111 3.17 14.93 6.02
CA MET C 111 1.76 14.64 5.82
C MET C 111 0.97 15.90 5.52
N ALA C 112 1.26 16.99 6.25
CA ALA C 112 0.55 18.24 6.01
C ALA C 112 0.76 18.74 4.58
N THR C 113 2.01 18.74 4.11
CA THR C 113 2.24 19.25 2.76
C THR C 113 1.74 18.27 1.70
N ASN C 114 1.72 16.97 2.00
CA ASN C 114 1.16 15.99 1.07
C ASN C 114 -0.33 16.25 0.83
N ILE C 115 -1.11 16.43 1.90
CA ILE C 115 -2.53 16.60 1.69
C ILE C 115 -2.80 17.98 1.11
N GLN C 116 -1.93 18.94 1.40
CA GLN C 116 -2.06 20.27 0.81
C GLN C 116 -1.82 20.23 -0.69
N ALA C 117 -0.88 19.40 -1.12
CA ALA C 117 -0.62 19.23 -2.55
C ALA C 117 -1.83 18.65 -3.26
N GLN C 118 -2.48 17.67 -2.64
CA GLN C 118 -3.72 17.12 -3.17
C GLN C 118 -4.81 18.19 -3.21
N PHE C 119 -4.94 18.96 -2.12
CA PHE C 119 -5.97 19.99 -2.05
C PHE C 119 -5.80 21.00 -3.18
N GLU C 120 -4.59 21.52 -3.36
CA GLU C 120 -4.41 22.55 -4.38
C GLU C 120 -4.60 21.99 -5.78
N LYS C 121 -4.14 20.75 -6.02
CA LYS C 121 -4.40 20.09 -7.29
C LYS C 121 -5.89 20.02 -7.57
N LEU C 122 -6.68 19.60 -6.59
CA LEU C 122 -8.13 19.51 -6.79
C LEU C 122 -8.75 20.89 -7.02
N MET C 123 -8.30 21.91 -6.28
CA MET C 123 -8.88 23.24 -6.37
C MET C 123 -8.65 23.92 -7.71
N VAL C 124 -7.82 23.34 -8.58
CA VAL C 124 -7.64 23.90 -9.92
C VAL C 124 -8.96 23.98 -10.65
N LYS C 125 -9.83 22.99 -10.44
CA LYS C 125 -11.07 22.87 -11.18
C LYS C 125 -12.23 23.62 -10.54
N VAL C 126 -11.95 24.48 -9.55
CA VAL C 126 -13.04 25.16 -8.85
C VAL C 126 -13.83 26.01 -9.85
N PRO C 127 -15.15 25.91 -9.89
CA PRO C 127 -15.94 26.66 -10.87
C PRO C 127 -15.86 28.16 -10.61
N PRO C 128 -16.08 28.98 -11.65
CA PRO C 128 -16.07 30.43 -11.46
C PRO C 128 -17.22 30.87 -10.59
N LYS C 129 -17.14 32.14 -10.16
CA LYS C 129 -18.17 32.68 -9.28
C LYS C 129 -19.50 32.84 -9.99
N GLU C 130 -19.48 33.29 -11.24
CA GLU C 130 -20.70 33.40 -12.05
C GLU C 130 -20.71 32.29 -13.09
N LEU C 131 -21.84 31.59 -13.17
CA LEU C 131 -22.00 30.53 -14.17
C LEU C 131 -22.71 31.08 -15.40
N GLY D 3 15.57 6.97 16.99
CA GLY D 3 15.00 6.22 18.10
C GLY D 3 14.79 4.75 17.82
N ALA D 4 14.18 4.05 18.78
CA ALA D 4 13.95 2.62 18.65
C ALA D 4 13.06 2.31 17.44
N PRO D 5 13.31 1.22 16.74
CA PRO D 5 12.51 0.88 15.55
C PRO D 5 11.14 0.34 15.90
N LYS D 6 10.28 0.36 14.90
CA LYS D 6 8.92 -0.10 15.08
C LYS D 6 8.88 -1.62 15.23
N PRO D 7 8.27 -2.14 16.29
CA PRO D 7 8.20 -3.59 16.49
C PRO D 7 7.30 -4.24 15.46
N PRO D 8 7.46 -5.55 15.22
CA PRO D 8 6.60 -6.23 14.25
C PRO D 8 5.16 -6.25 14.73
N GLN D 9 4.24 -6.30 13.76
CA GLN D 9 2.82 -6.38 14.07
C GLN D 9 2.46 -7.74 14.67
N GLU D 10 1.65 -7.72 15.72
CA GLU D 10 1.13 -8.96 16.31
C GLU D 10 -0.16 -9.36 15.60
N PRO D 11 -0.47 -10.67 15.55
CA PRO D 11 0.29 -11.80 16.08
C PRO D 11 1.34 -12.32 15.10
N ASP D 12 2.31 -13.07 15.60
CA ASP D 12 3.25 -13.78 14.74
C ASP D 12 2.55 -15.01 14.17
N MET D 13 2.23 -14.98 12.88
CA MET D 13 1.47 -16.07 12.27
C MET D 13 2.21 -17.40 12.29
N ASN D 14 3.51 -17.41 12.64
CA ASN D 14 4.28 -18.64 12.73
C ASN D 14 4.38 -19.17 14.15
N ASN D 15 3.81 -18.49 15.12
CA ASN D 15 3.83 -18.91 16.52
C ASN D 15 2.43 -18.85 17.11
N LEU D 16 1.44 -19.23 16.32
CA LEU D 16 0.07 -19.30 16.84
C LEU D 16 -0.08 -20.53 17.72
N PRO D 17 -0.89 -20.43 18.78
CA PRO D 17 -0.99 -21.53 19.74
C PRO D 17 -1.68 -22.76 19.18
N GLU D 18 -1.29 -23.92 19.72
CA GLU D 18 -1.90 -25.17 19.32
C GLU D 18 -3.35 -25.25 19.75
N ASN D 19 -3.68 -24.75 20.95
CA ASN D 19 -5.03 -24.84 21.52
C ASN D 19 -5.52 -23.43 21.82
N PRO D 20 -6.05 -22.73 20.83
CA PRO D 20 -6.61 -21.40 21.07
C PRO D 20 -7.90 -21.50 21.88
N ILE D 21 -8.34 -20.36 22.40
CA ILE D 21 -9.56 -20.35 23.21
C ILE D 21 -10.73 -20.89 22.39
N PRO D 22 -11.64 -21.62 23.03
CA PRO D 22 -12.79 -22.18 22.31
C PRO D 22 -13.71 -21.10 21.77
N GLN D 23 -14.53 -21.51 20.80
CA GLN D 23 -15.29 -20.54 20.01
C GLN D 23 -16.21 -19.69 20.88
N HIS D 24 -16.83 -20.29 21.90
CA HIS D 24 -17.78 -19.52 22.70
C HIS D 24 -17.06 -18.45 23.52
N GLN D 25 -15.83 -18.74 23.97
CA GLN D 25 -15.05 -17.71 24.66
C GLN D 25 -14.54 -16.67 23.68
N ALA D 26 -14.11 -17.09 22.49
CA ALA D 26 -13.63 -16.13 21.49
C ALA D 26 -14.72 -15.17 21.08
N LYS D 27 -15.94 -15.67 20.85
CA LYS D 27 -17.04 -14.78 20.47
C LYS D 27 -17.33 -13.79 21.59
N PHE D 28 -17.23 -14.23 22.83
CA PHE D 28 -17.48 -13.35 23.97
C PHE D 28 -16.43 -12.23 24.03
N VAL D 29 -15.14 -12.58 24.01
CA VAL D 29 -14.12 -11.53 24.10
C VAL D 29 -14.15 -10.64 22.86
N LEU D 30 -14.51 -11.20 21.70
CA LEU D 30 -14.65 -10.37 20.51
C LEU D 30 -15.75 -9.34 20.69
N ASN D 31 -16.92 -9.78 21.16
CA ASN D 31 -18.02 -8.85 21.36
C ASN D 31 -17.70 -7.85 22.45
N THR D 32 -16.94 -8.29 23.46
CA THR D 32 -16.49 -7.37 24.50
C THR D 32 -15.57 -6.30 23.92
N ILE D 33 -14.61 -6.69 23.08
CA ILE D 33 -13.71 -5.69 22.50
C ILE D 33 -14.48 -4.76 21.57
N LYS D 34 -15.44 -5.30 20.82
CA LYS D 34 -16.23 -4.46 19.93
C LYS D 34 -17.05 -3.44 20.71
N ALA D 35 -17.52 -3.83 21.90
CA ALA D 35 -18.24 -2.89 22.76
C ALA D 35 -17.32 -1.78 23.23
N VAL D 36 -16.10 -2.12 23.62
CA VAL D 36 -15.17 -1.08 24.09
C VAL D 36 -14.78 -0.16 22.93
N LYS D 37 -14.67 -0.71 21.72
CA LYS D 37 -14.38 0.13 20.55
C LYS D 37 -15.42 1.20 20.34
N ARG D 38 -16.63 1.02 20.86
CA ARG D 38 -17.71 2.00 20.70
C ARG D 38 -17.85 2.91 21.91
N ASN D 39 -16.93 2.81 22.87
CA ASN D 39 -16.91 3.73 24.01
C ASN D 39 -16.59 5.13 23.52
N ARG D 40 -17.21 6.12 24.17
CA ARG D 40 -17.01 7.53 23.78
C ARG D 40 -15.54 7.92 23.78
N GLU D 41 -14.71 7.28 24.59
CA GLU D 41 -13.32 7.69 24.74
C GLU D 41 -12.34 6.72 24.09
N ALA D 42 -12.82 5.88 23.17
CA ALA D 42 -12.00 4.79 22.66
C ALA D 42 -11.22 5.15 21.41
N VAL D 43 -11.58 6.26 20.72
CA VAL D 43 -11.04 6.52 19.39
C VAL D 43 -9.52 6.50 19.36
N PRO D 44 -8.79 7.15 20.28
CA PRO D 44 -7.32 7.07 20.24
C PRO D 44 -6.79 5.64 20.36
N PHE D 45 -7.57 4.72 20.89
CA PHE D 45 -7.12 3.37 21.14
C PHE D 45 -7.54 2.39 20.06
N LEU D 46 -8.22 2.86 19.01
CA LEU D 46 -8.72 1.96 17.99
C LEU D 46 -7.60 1.38 17.14
N HIS D 47 -6.51 2.11 16.95
CA HIS D 47 -5.46 1.72 16.03
C HIS D 47 -4.12 1.85 16.72
N PRO D 48 -3.08 1.16 16.21
CA PRO D 48 -1.75 1.32 16.82
C PRO D 48 -1.34 2.78 16.81
N VAL D 49 -0.63 3.20 17.86
CA VAL D 49 0.02 4.51 17.83
C VAL D 49 0.86 4.63 16.56
N ASP D 50 0.65 5.73 15.83
CA ASP D 50 1.48 6.03 14.67
C ASP D 50 2.46 7.11 15.13
N THR D 51 3.74 6.72 15.29
CA THR D 51 4.71 7.65 15.85
C THR D 51 5.11 8.71 14.85
N VAL D 52 4.80 8.53 13.57
CA VAL D 52 5.02 9.62 12.63
C VAL D 52 3.92 10.65 12.78
N LYS D 53 2.67 10.21 12.79
CA LYS D 53 1.54 11.12 12.98
C LYS D 53 1.68 11.92 14.26
N LEU D 54 2.13 11.28 15.33
CA LEU D 54 2.19 11.95 16.62
C LEU D 54 3.56 12.55 16.90
N ASN D 55 4.50 12.40 15.99
CA ASN D 55 5.81 13.06 16.06
C ASN D 55 6.55 12.65 17.34
N VAL D 56 6.61 11.35 17.58
CA VAL D 56 7.26 10.85 18.80
C VAL D 56 8.28 9.78 18.42
N PRO D 57 9.48 10.19 17.98
CA PRO D 57 10.48 9.19 17.52
C PRO D 57 11.00 8.27 18.61
N PHE D 58 10.76 8.58 19.88
CA PHE D 58 11.25 7.73 20.96
C PHE D 58 10.14 6.94 21.63
N TYR D 59 8.97 6.86 20.98
CA TYR D 59 7.84 6.16 21.59
C TYR D 59 8.18 4.69 21.82
N TYR D 60 8.80 4.03 20.84
CA TYR D 60 9.11 2.61 21.04
C TYR D 60 10.28 2.40 21.98
N ASN D 61 11.07 3.44 22.27
CA ASN D 61 12.05 3.34 23.34
C ASN D 61 11.37 3.13 24.69
N TYR D 62 10.24 3.81 24.90
CA TYR D 62 9.43 3.61 26.10
C TYR D 62 8.61 2.34 26.00
N ILE D 63 8.09 2.06 24.81
CA ILE D 63 7.03 1.08 24.57
C ILE D 63 7.53 0.03 23.58
N PRO D 64 8.30 -0.96 24.04
CA PRO D 64 8.79 -1.98 23.12
C PRO D 64 7.71 -2.93 22.64
N ARG D 65 6.55 -2.95 23.31
CA ARG D 65 5.43 -3.80 22.90
C ARG D 65 4.15 -2.96 22.88
N PRO D 66 3.90 -2.27 21.77
CA PRO D 66 2.66 -1.50 21.66
C PRO D 66 1.44 -2.42 21.60
N MET D 67 0.31 -1.86 21.99
CA MET D 67 -0.95 -2.60 21.96
C MET D 67 -2.09 -1.62 21.74
N ASP D 68 -3.14 -2.10 21.09
CA ASP D 68 -4.31 -1.28 20.79
C ASP D 68 -5.50 -2.21 20.57
N LEU D 69 -6.70 -1.63 20.48
CA LEU D 69 -7.91 -2.45 20.37
C LEU D 69 -7.93 -3.26 19.07
N SER D 70 -7.49 -2.67 17.94
CA SER D 70 -7.54 -3.41 16.68
C SER D 70 -6.63 -4.62 16.73
N THR D 71 -5.48 -4.50 17.38
CA THR D 71 -4.59 -5.65 17.49
C THR D 71 -5.21 -6.74 18.36
N ILE D 72 -5.87 -6.36 19.46
CA ILE D 72 -6.53 -7.39 20.28
C ILE D 72 -7.63 -8.07 19.47
N GLU D 73 -8.44 -7.27 18.78
CA GLU D 73 -9.49 -7.84 17.93
C GLU D 73 -8.90 -8.78 16.89
N ARG D 74 -7.82 -8.34 16.23
CA ARG D 74 -7.17 -9.18 15.23
C ARG D 74 -6.65 -10.48 15.85
N LYS D 75 -6.01 -10.39 17.01
CA LYS D 75 -5.47 -11.60 17.64
C LYS D 75 -6.58 -12.57 18.03
N ILE D 76 -7.74 -12.07 18.46
CA ILE D 76 -8.86 -12.97 18.73
C ILE D 76 -9.24 -13.72 17.46
N ASN D 77 -9.48 -12.97 16.38
CA ASN D 77 -9.94 -13.55 15.13
C ASN D 77 -8.91 -14.49 14.51
N LEU D 78 -7.62 -14.23 14.72
CA LEU D 78 -6.56 -15.06 14.17
C LEU D 78 -6.17 -16.21 15.09
N LYS D 79 -6.90 -16.39 16.19
CA LYS D 79 -6.71 -17.52 17.11
C LYS D 79 -5.34 -17.49 17.77
N ALA D 80 -4.89 -16.29 18.14
CA ALA D 80 -3.58 -16.13 18.77
C ALA D 80 -3.63 -16.30 20.28
N TYR D 81 -4.80 -16.35 20.89
CA TYR D 81 -4.91 -16.43 22.34
C TYR D 81 -5.20 -17.86 22.79
N GLU D 82 -4.46 -18.34 23.80
CA GLU D 82 -4.70 -19.62 24.46
C GLU D 82 -5.64 -19.52 25.66
N ASP D 83 -5.77 -18.34 26.25
CA ASP D 83 -6.58 -18.17 27.44
C ASP D 83 -7.12 -16.75 27.42
N VAL D 84 -8.36 -16.58 27.90
CA VAL D 84 -8.92 -15.23 27.94
C VAL D 84 -8.11 -14.32 28.86
N SER D 85 -7.34 -14.88 29.81
CA SER D 85 -6.48 -14.05 30.63
C SER D 85 -5.46 -13.30 29.79
N GLN D 86 -5.12 -13.83 28.61
CA GLN D 86 -4.16 -13.17 27.74
C GLN D 86 -4.79 -11.97 27.02
N VAL D 87 -6.09 -12.02 26.79
CA VAL D 87 -6.82 -10.85 26.29
C VAL D 87 -6.81 -9.75 27.33
N VAL D 88 -7.05 -10.12 28.58
CA VAL D 88 -6.98 -9.18 29.70
C VAL D 88 -5.58 -8.58 29.77
N ASP D 89 -4.56 -9.43 29.64
CA ASP D 89 -3.19 -8.96 29.72
C ASP D 89 -2.90 -7.94 28.63
N ASP D 90 -3.31 -8.24 27.40
CA ASP D 90 -3.07 -7.30 26.29
C ASP D 90 -3.81 -6.00 26.53
N PHE D 91 -5.04 -6.08 27.03
CA PHE D 91 -5.78 -4.86 27.30
C PHE D 91 -5.08 -4.02 28.36
N ASN D 92 -4.60 -4.67 29.44
CA ASN D 92 -3.92 -3.89 30.47
C ASN D 92 -2.57 -3.37 29.99
N LEU D 93 -1.95 -4.07 29.03
CA LEU D 93 -0.73 -3.58 28.42
C LEU D 93 -0.97 -2.30 27.63
N MET D 94 -2.04 -2.27 26.82
CA MET D 94 -2.44 -1.04 26.14
C MET D 94 -2.59 0.12 27.12
N VAL D 95 -3.23 -0.12 28.25
CA VAL D 95 -3.44 0.92 29.24
C VAL D 95 -2.13 1.28 29.92
N LYS D 96 -1.31 0.28 30.25
CA LYS D 96 -0.01 0.53 30.86
C LYS D 96 0.87 1.36 29.94
N ASN D 97 0.91 1.00 28.65
CA ASN D 97 1.71 1.76 27.67
C ASN D 97 1.28 3.21 27.64
N CYS D 98 -0.02 3.46 27.62
CA CYS D 98 -0.53 4.82 27.59
C CYS D 98 -0.04 5.62 28.79
N LYS D 99 -0.14 5.03 29.98
CA LYS D 99 0.24 5.75 31.19
C LYS D 99 1.74 5.94 31.27
N LYS D 100 2.52 4.96 30.78
CA LYS D 100 3.97 5.08 30.85
C LYS D 100 4.48 6.18 29.92
N PHE D 101 4.01 6.21 28.67
CA PHE D 101 4.54 7.22 27.76
C PHE D 101 3.96 8.61 28.06
N ASN D 102 2.66 8.68 28.40
CA ASN D 102 2.03 9.99 28.53
C ASN D 102 1.98 10.49 29.96
N GLY D 103 2.11 9.62 30.94
CA GLY D 103 1.99 10.07 32.31
C GLY D 103 0.65 9.70 32.91
N GLU D 104 0.65 9.37 34.20
CA GLU D 104 -0.58 8.98 34.87
C GLU D 104 -1.61 10.09 34.87
N ALA D 105 -1.18 11.34 34.88
CA ALA D 105 -2.10 12.46 35.00
C ALA D 105 -2.63 12.94 33.66
N ALA D 106 -2.12 12.43 32.55
CA ALA D 106 -2.50 12.94 31.24
C ALA D 106 -3.96 12.63 30.94
N GLY D 107 -4.58 13.53 30.18
CA GLY D 107 -5.98 13.31 29.80
C GLY D 107 -6.18 12.00 29.06
N ILE D 108 -5.21 11.63 28.23
CA ILE D 108 -5.34 10.36 27.49
C ILE D 108 -5.30 9.19 28.45
N SER D 109 -4.59 9.30 29.57
CA SER D 109 -4.57 8.21 30.54
C SER D 109 -5.88 8.10 31.29
N LYS D 110 -6.58 9.22 31.53
CA LYS D 110 -7.92 9.13 32.08
C LYS D 110 -8.86 8.42 31.11
N MET D 111 -8.69 8.67 29.80
CA MET D 111 -9.49 7.97 28.81
C MET D 111 -9.20 6.48 28.82
N ALA D 112 -7.92 6.11 28.91
CA ALA D 112 -7.56 4.70 29.01
C ALA D 112 -8.23 4.04 30.21
N THR D 113 -8.22 4.73 31.35
CA THR D 113 -8.86 4.17 32.55
C THR D 113 -10.35 3.98 32.33
N ASN D 114 -10.97 4.91 31.61
CA ASN D 114 -12.41 4.81 31.41
C ASN D 114 -12.77 3.63 30.50
N ILE D 115 -12.00 3.40 29.43
CA ILE D 115 -12.37 2.26 28.59
C ILE D 115 -12.03 0.96 29.30
N GLN D 116 -11.00 0.98 30.15
CA GLN D 116 -10.68 -0.20 30.94
C GLN D 116 -11.80 -0.55 31.89
N ALA D 117 -12.49 0.47 32.43
CA ALA D 117 -13.62 0.20 33.31
C ALA D 117 -14.74 -0.53 32.59
N GLN D 118 -15.04 -0.13 31.35
CA GLN D 118 -16.05 -0.85 30.59
C GLN D 118 -15.60 -2.28 30.29
N PHE D 119 -14.36 -2.43 29.82
CA PHE D 119 -13.82 -3.77 29.57
C PHE D 119 -13.94 -4.66 30.80
N GLU D 120 -13.54 -4.16 31.97
CA GLU D 120 -13.58 -5.01 33.16
C GLU D 120 -15.01 -5.33 33.57
N LYS D 121 -15.91 -4.35 33.44
CA LYS D 121 -17.33 -4.60 33.74
C LYS D 121 -17.88 -5.73 32.89
N LEU D 122 -17.60 -5.70 31.58
CA LEU D 122 -18.13 -6.73 30.69
C LEU D 122 -17.46 -8.08 30.93
N MET D 123 -16.15 -8.09 31.24
CA MET D 123 -15.41 -9.35 31.31
C MET D 123 -15.84 -10.23 32.47
N VAL D 124 -16.53 -9.68 33.46
CA VAL D 124 -17.05 -10.46 34.58
C VAL D 124 -17.90 -11.63 34.08
N LYS D 125 -18.57 -11.46 32.93
CA LYS D 125 -19.51 -12.43 32.42
C LYS D 125 -18.90 -13.43 31.45
N VAL D 126 -17.57 -13.51 31.40
CA VAL D 126 -16.91 -14.40 30.42
C VAL D 126 -17.33 -15.84 30.68
N PRO D 127 -17.73 -16.59 29.65
CA PRO D 127 -18.16 -17.96 29.88
C PRO D 127 -16.99 -18.85 30.27
N PRO D 128 -17.24 -19.95 30.96
CA PRO D 128 -16.16 -20.88 31.30
C PRO D 128 -15.61 -21.54 30.05
N LYS D 129 -14.38 -22.02 30.15
CA LYS D 129 -13.78 -22.67 28.99
C LYS D 129 -14.58 -23.89 28.53
N GLU D 130 -15.45 -24.43 29.38
CA GLU D 130 -16.12 -25.70 29.12
C GLU D 130 -17.62 -25.55 28.84
N LEU D 131 -18.13 -24.33 28.73
CA LEU D 131 -19.53 -24.09 28.34
C LEU D 131 -19.95 -24.97 27.17
#